data_3ZU7
#
_entry.id   3ZU7
#
_cell.length_a   68.040
_cell.length_b   89.370
_cell.length_c   99.540
_cell.angle_alpha   90.00
_cell.angle_beta   90.00
_cell.angle_gamma   90.00
#
_symmetry.space_group_name_H-M   'P 21 21 21'
#
loop_
_entity.id
_entity.type
_entity.pdbx_description
1 polymer 'MITOGEN-ACTIVATED PROTEIN KINASE 1'
2 polymer 'DESIGNED ANKYRIN REPEAT PROTEIN'
3 water water
#
loop_
_entity_poly.entity_id
_entity_poly.type
_entity_poly.pdbx_seq_one_letter_code
_entity_poly.pdbx_strand_id
1 'polypeptide(L)'
;AHHHHHHAMAAAAAGPEMVRGQVFDVGPRYTNLSYIGEGAYGMVCSAYDNLNKVRVAIKKISPFEHQTYCQRTLREIKIL
LRFRHENIIGINDIIRAPTIEQMKDVYIVQDLMETDLYKLLKTQHLSNDHICYFLYQILRGLKYIHSANVLHRDLKPSNL
LLNTTCDLKICDFGLARVADPDHDHTGFLTEYVATRWYRAPEIMLNSKGYTKSIDIWSVGCILAEMLSNRPIFPGKHYLD
QLNHILGILGSPSQEDLNCIINLKARNYLLSLPHKNKVPWNRLFPNADSKALDLLDKMLTFNPHKRIEVEQALAHPYLEQ
YYDPSDEPIAEAPFKFDMELDDLPKEKLKELIFEETARFQPGYRS
;
A
2 'polypeptide(L)'
;MRGSHHHHHHGSDLGKKLLEAARAGQDDEVRILMANGADVNAHDDQGSTPLHLAAWIGHPEIVEVLLKHGADVNARDTDG
WTPLHLAADNGHLEIVEVLLKYGADVNAQDAYGLTPLHLAADRGHLEIVEVLLKHGADVNAQDKFGKTAFDISIDNGNED
LAEILQKLN
;
B
#
# COMPACT_ATOMS: atom_id res chain seq x y z
N GLU A 17 -32.10 5.69 -7.92
CA GLU A 17 -31.51 4.69 -6.92
C GLU A 17 -30.32 5.29 -6.13
N MET A 18 -30.52 5.56 -4.83
CA MET A 18 -29.61 6.37 -4.04
C MET A 18 -29.07 5.55 -2.89
N VAL A 19 -27.73 5.49 -2.74
CA VAL A 19 -27.05 4.72 -1.69
C VAL A 19 -26.10 5.68 -0.97
N ARG A 20 -26.24 5.80 0.37
CA ARG A 20 -25.51 6.78 1.23
C ARG A 20 -25.47 8.21 0.66
N GLY A 21 -26.59 8.61 0.05
CA GLY A 21 -26.74 9.96 -0.55
C GLY A 21 -26.04 10.17 -1.90
N GLN A 22 -25.54 9.07 -2.50
CA GLN A 22 -24.90 9.17 -3.81
C GLN A 22 -25.75 8.49 -4.85
N VAL A 23 -25.77 8.99 -6.07
CA VAL A 23 -26.47 8.27 -7.14
C VAL A 23 -25.63 7.03 -7.37
N PHE A 24 -26.33 5.99 -7.79
CA PHE A 24 -25.69 4.70 -8.10
C PHE A 24 -26.65 4.04 -9.07
N ASP A 25 -26.45 4.40 -10.33
CA ASP A 25 -27.41 4.19 -11.42
C ASP A 25 -26.99 3.01 -12.32
N VAL A 26 -27.35 1.78 -11.93
CA VAL A 26 -26.86 0.59 -12.64
C VAL A 26 -27.91 -0.21 -13.43
N GLY A 27 -28.93 0.56 -13.86
CA GLY A 27 -29.79 0.30 -15.09
C GLY A 27 -30.64 -0.89 -14.73
N PRO A 28 -31.35 -1.50 -15.68
CA PRO A 28 -32.10 -2.64 -15.08
C PRO A 28 -31.25 -3.94 -14.89
N ARG A 29 -30.08 -4.04 -15.52
CA ARG A 29 -29.34 -5.32 -15.35
C ARG A 29 -28.89 -5.60 -13.90
N TYR A 30 -28.54 -4.58 -13.16
CA TYR A 30 -28.01 -4.80 -11.81
C TYR A 30 -28.95 -4.20 -10.78
N THR A 31 -29.40 -5.01 -9.83
CA THR A 31 -30.47 -4.58 -8.89
C THR A 31 -30.02 -4.99 -7.48
N ASN A 32 -30.86 -4.76 -6.47
CA ASN A 32 -30.63 -5.34 -5.15
C ASN A 32 -29.32 -4.90 -4.58
N LEU A 33 -29.12 -3.61 -4.60
CA LEU A 33 -27.86 -3.02 -4.15
C LEU A 33 -27.56 -3.18 -2.61
N SER A 34 -26.30 -3.39 -2.28
CA SER A 34 -25.85 -3.12 -0.92
C SER A 34 -24.46 -2.44 -0.98
N TYR A 35 -24.32 -1.33 -0.27
CA TYR A 35 -23.03 -0.68 -0.12
C TYR A 35 -22.02 -1.51 0.67
N ILE A 36 -20.82 -1.67 0.14
CA ILE A 36 -19.81 -2.46 0.83
C ILE A 36 -18.48 -1.84 0.64
N GLY A 37 -18.32 -0.55 0.96
CA GLY A 37 -17.02 0.14 0.93
C GLY A 37 -16.88 1.37 0.04
N GLU A 38 -15.97 2.26 0.42
CA GLU A 38 -15.86 3.55 -0.30
C GLU A 38 -14.60 4.35 0.05
N GLY A 39 -14.18 5.21 -0.87
CA GLY A 39 -13.01 6.07 -0.61
C GLY A 39 -12.55 7.04 -1.69
N ALA A 40 -11.24 7.03 -1.96
CA ALA A 40 -10.59 8.04 -2.82
C ALA A 40 -10.77 7.78 -4.33
N TYR A 41 -11.13 6.54 -4.66
CA TYR A 41 -11.42 6.08 -6.02
C TYR A 41 -12.29 4.88 -5.82
N GLY A 42 -13.60 5.13 -5.90
CA GLY A 42 -14.62 4.06 -5.85
C GLY A 42 -15.50 3.96 -4.62
N MET A 43 -16.76 4.40 -4.73
CA MET A 43 -17.87 3.77 -3.95
C MET A 43 -18.16 2.39 -4.57
N VAL A 44 -18.05 1.35 -3.75
CA VAL A 44 -18.32 -0.05 -4.13
C VAL A 44 -19.65 -0.57 -3.54
N CYS A 45 -20.53 -1.07 -4.40
CA CYS A 45 -21.71 -1.86 -3.95
C CYS A 45 -21.70 -3.30 -4.45
N SER A 46 -22.32 -4.18 -3.70
CA SER A 46 -22.65 -5.45 -4.33
C SER A 46 -24.02 -5.32 -4.99
N ALA A 47 -24.25 -6.18 -5.99
CA ALA A 47 -25.50 -6.12 -6.68
C ALA A 47 -25.82 -7.49 -7.31
N TYR A 48 -27.08 -7.73 -7.71
CA TYR A 48 -27.40 -8.94 -8.42
C TYR A 48 -27.33 -8.67 -9.89
N ASP A 49 -26.56 -9.50 -10.58
CA ASP A 49 -26.49 -9.41 -12.02
C ASP A 49 -27.66 -10.22 -12.52
N ASN A 50 -28.68 -9.60 -13.11
CA ASN A 50 -29.87 -10.37 -13.52
C ASN A 50 -29.69 -11.10 -14.82
N LEU A 51 -28.54 -10.92 -15.47
CA LEU A 51 -28.23 -11.70 -16.67
C LEU A 51 -27.56 -13.03 -16.27
N ASN A 52 -26.48 -12.92 -15.49
CA ASN A 52 -25.71 -14.07 -15.03
C ASN A 52 -26.22 -14.75 -13.75
N LYS A 53 -27.22 -14.18 -13.12
CA LYS A 53 -27.83 -14.79 -11.88
C LYS A 53 -26.91 -14.94 -10.70
N VAL A 54 -25.98 -13.99 -10.58
CA VAL A 54 -25.02 -14.01 -9.43
C VAL A 54 -24.83 -12.63 -8.90
N ARG A 55 -24.47 -12.50 -7.60
CA ARG A 55 -24.13 -11.21 -7.09
C ARG A 55 -22.71 -10.82 -7.58
N VAL A 56 -22.55 -9.54 -7.91
CA VAL A 56 -21.29 -8.98 -8.39
C VAL A 56 -20.87 -7.76 -7.58
N ALA A 57 -19.64 -7.30 -7.77
CA ALA A 57 -19.13 -6.05 -7.16
C ALA A 57 -19.12 -4.92 -8.18
N ILE A 58 -19.65 -3.79 -7.82
CA ILE A 58 -19.74 -2.62 -8.75
C ILE A 58 -19.02 -1.41 -8.12
N LYS A 59 -17.87 -1.03 -8.73
CA LYS A 59 -17.05 0.12 -8.35
C LYS A 59 -17.55 1.38 -9.13
N LYS A 60 -18.02 2.42 -8.41
CA LYS A 60 -18.46 3.67 -9.07
C LYS A 60 -17.25 4.59 -8.98
N ILE A 61 -16.77 5.06 -10.14
CA ILE A 61 -15.68 6.02 -10.19
C ILE A 61 -16.16 7.32 -10.93
N SER A 62 -15.72 8.42 -10.38
CA SER A 62 -15.86 9.74 -10.96
C SER A 62 -14.52 10.47 -10.81
N PRO A 63 -13.73 10.51 -11.86
CA PRO A 63 -12.35 10.92 -11.72
C PRO A 63 -11.97 12.15 -12.52
N PHE A 64 -12.91 12.69 -13.24
CA PHE A 64 -12.59 13.70 -14.23
C PHE A 64 -12.06 15.06 -13.77
N GLU A 65 -12.04 15.30 -12.47
CA GLU A 65 -11.63 16.59 -11.89
C GLU A 65 -10.15 16.66 -11.56
N HIS A 66 -9.44 15.57 -11.79
CA HIS A 66 -8.04 15.55 -11.39
C HIS A 66 -7.25 14.58 -12.28
N GLN A 67 -6.30 15.14 -13.02
CA GLN A 67 -5.49 14.42 -13.99
C GLN A 67 -4.95 13.08 -13.49
N THR A 68 -4.47 13.06 -12.24
CA THR A 68 -4.01 11.85 -11.57
C THR A 68 -5.10 10.72 -11.54
N TYR A 69 -6.36 11.09 -11.24
CA TYR A 69 -7.47 10.13 -11.20
C TYR A 69 -7.69 9.54 -12.58
N CYS A 70 -7.58 10.39 -13.60
CA CYS A 70 -7.78 9.94 -14.98
C CYS A 70 -6.67 9.01 -15.48
N GLN A 71 -5.41 9.38 -15.29
CA GLN A 71 -4.30 8.49 -15.65
C GLN A 71 -4.66 7.11 -15.10
N ARG A 72 -4.90 7.08 -13.78
CA ARG A 72 -4.98 5.83 -13.01
C ARG A 72 -6.13 4.94 -13.50
N THR A 73 -7.19 5.60 -13.93
CA THR A 73 -8.46 4.99 -14.29
C THR A 73 -8.38 4.44 -15.71
N LEU A 74 -7.72 5.21 -16.59
CA LEU A 74 -7.50 4.78 -17.95
C LEU A 74 -6.61 3.55 -17.96
N ARG A 75 -5.42 3.67 -17.37
CA ARG A 75 -4.54 2.48 -17.20
C ARG A 75 -5.31 1.26 -16.76
N GLU A 76 -5.98 1.38 -15.62
CA GLU A 76 -6.61 0.22 -15.00
C GLU A 76 -7.67 -0.42 -15.91
N ILE A 77 -8.47 0.42 -16.57
CA ILE A 77 -9.44 -0.10 -17.49
C ILE A 77 -8.71 -0.82 -18.67
N LYS A 78 -7.67 -0.18 -19.21
CA LYS A 78 -6.94 -0.66 -20.39
C LYS A 78 -6.36 -2.04 -20.08
N ILE A 79 -5.76 -2.12 -18.90
CA ILE A 79 -4.97 -3.30 -18.52
C ILE A 79 -5.96 -4.41 -18.18
N LEU A 80 -6.94 -4.12 -17.30
CA LEU A 80 -7.87 -5.19 -16.99
C LEU A 80 -8.64 -5.71 -18.21
N LEU A 81 -9.01 -4.84 -19.15
CA LEU A 81 -9.68 -5.33 -20.37
C LEU A 81 -8.79 -6.14 -21.33
N ARG A 82 -7.49 -5.89 -21.32
CA ARG A 82 -6.60 -6.70 -22.14
C ARG A 82 -6.34 -8.07 -21.50
N PHE A 83 -6.25 -8.14 -20.16
CA PHE A 83 -5.93 -9.35 -19.46
C PHE A 83 -7.13 -10.33 -19.43
N ARG A 84 -6.84 -11.63 -19.58
CA ARG A 84 -7.84 -12.64 -19.35
C ARG A 84 -7.07 -13.82 -18.79
N HIS A 85 -7.22 -14.05 -17.49
CA HIS A 85 -6.43 -15.09 -16.86
C HIS A 85 -7.15 -15.42 -15.55
N GLU A 86 -7.11 -16.68 -15.12
CA GLU A 86 -7.92 -17.13 -13.99
C GLU A 86 -7.46 -16.51 -12.67
N ASN A 87 -6.19 -16.08 -12.61
CA ASN A 87 -5.64 -15.51 -11.37
C ASN A 87 -5.55 -14.00 -11.42
N ILE A 88 -6.38 -13.38 -12.27
CA ILE A 88 -6.39 -11.92 -12.34
C ILE A 88 -7.82 -11.51 -12.39
N ILE A 89 -8.24 -10.60 -11.52
CA ILE A 89 -9.61 -10.07 -11.60
C ILE A 89 -9.98 -9.48 -12.98
N GLY A 90 -11.12 -9.87 -13.53
CA GLY A 90 -11.50 -9.29 -14.84
C GLY A 90 -12.41 -8.09 -14.71
N ILE A 91 -12.75 -7.47 -15.82
CA ILE A 91 -13.88 -6.54 -15.79
C ILE A 91 -15.00 -7.24 -16.59
N ASN A 92 -16.11 -7.54 -15.94
CA ASN A 92 -17.17 -8.30 -16.61
C ASN A 92 -18.06 -7.37 -17.39
N ASP A 93 -18.20 -6.12 -16.96
CA ASP A 93 -19.11 -5.17 -17.66
C ASP A 93 -18.67 -3.77 -17.30
N ILE A 94 -19.02 -2.77 -18.12
CA ILE A 94 -18.83 -1.39 -17.74
C ILE A 94 -20.09 -0.62 -18.13
N ILE A 95 -20.54 0.23 -17.20
CA ILE A 95 -21.69 1.15 -17.40
C ILE A 95 -21.20 2.58 -17.42
N ARG A 96 -21.52 3.30 -18.49
CA ARG A 96 -21.32 4.75 -18.45
C ARG A 96 -22.31 5.50 -19.31
N ALA A 97 -22.43 6.79 -18.99
CA ALA A 97 -23.29 7.71 -19.72
C ALA A 97 -23.00 7.62 -21.23
N PRO A 98 -24.07 7.57 -22.10
CA PRO A 98 -23.99 7.41 -23.60
C PRO A 98 -23.29 8.50 -24.44
N THR A 99 -22.94 9.64 -23.82
CA THR A 99 -22.16 10.70 -24.48
C THR A 99 -21.10 11.25 -23.53
N ILE A 100 -20.00 11.69 -24.10
CA ILE A 100 -18.90 12.21 -23.28
C ILE A 100 -19.29 13.32 -22.26
N GLU A 101 -20.09 14.30 -22.69
CA GLU A 101 -20.51 15.40 -21.80
C GLU A 101 -21.32 14.95 -20.59
N GLN A 102 -22.10 13.87 -20.79
CA GLN A 102 -22.93 13.28 -19.73
C GLN A 102 -22.14 12.51 -18.67
N MET A 103 -21.02 11.91 -19.10
CA MET A 103 -20.25 11.03 -18.23
C MET A 103 -19.55 11.79 -17.11
N LYS A 104 -20.16 11.66 -15.95
CA LYS A 104 -19.63 12.21 -14.73
C LYS A 104 -19.02 11.01 -14.05
N ASP A 105 -19.58 9.84 -14.39
CA ASP A 105 -19.25 8.58 -13.69
C ASP A 105 -19.03 7.34 -14.55
N VAL A 106 -18.16 6.47 -14.06
CA VAL A 106 -17.98 5.14 -14.67
C VAL A 106 -18.22 4.03 -13.66
N TYR A 107 -19.01 3.03 -14.07
CA TYR A 107 -19.25 1.85 -13.21
C TYR A 107 -18.65 0.59 -13.74
N ILE A 108 -17.76 0.02 -12.94
CA ILE A 108 -17.01 -1.15 -13.35
C ILE A 108 -17.47 -2.33 -12.56
N VAL A 109 -17.87 -3.36 -13.29
CA VAL A 109 -18.50 -4.56 -12.74
C VAL A 109 -17.50 -5.70 -12.76
N GLN A 110 -17.28 -6.28 -11.61
CA GLN A 110 -16.29 -7.38 -11.43
C GLN A 110 -16.81 -8.50 -10.55
N ASP A 111 -16.09 -9.61 -10.52
CA ASP A 111 -16.55 -10.71 -9.73
C ASP A 111 -16.54 -10.32 -8.29
N LEU A 112 -17.50 -10.83 -7.55
CA LEU A 112 -17.61 -10.50 -6.11
C LEU A 112 -16.81 -11.54 -5.39
N MET A 113 -15.76 -11.10 -4.71
CA MET A 113 -14.79 -12.03 -4.11
C MET A 113 -15.00 -11.87 -2.61
N GLU A 114 -15.24 -12.96 -1.91
CA GLU A 114 -15.69 -12.94 -0.48
C GLU A 114 -14.61 -12.42 0.48
N THR A 115 -13.32 -12.61 0.15
CA THR A 115 -12.28 -12.15 1.05
C THR A 115 -10.93 -11.81 0.32
N ASP A 116 -9.84 -11.82 1.07
CA ASP A 116 -8.53 -11.44 0.51
C ASP A 116 -7.48 -11.99 1.46
N LEU A 117 -6.23 -12.04 1.00
CA LEU A 117 -5.18 -12.69 1.74
C LEU A 117 -4.90 -11.89 3.04
N TYR A 118 -5.11 -10.58 3.04
CA TYR A 118 -4.93 -9.74 4.26
C TYR A 118 -5.87 -10.21 5.40
N LYS A 119 -7.17 -10.28 5.10
CA LYS A 119 -8.10 -10.76 6.11
C LYS A 119 -7.83 -12.21 6.52
N LEU A 120 -7.48 -13.06 5.55
CA LEU A 120 -7.25 -14.46 5.89
C LEU A 120 -6.14 -14.59 6.86
N LEU A 121 -5.01 -13.93 6.58
CA LEU A 121 -3.85 -14.01 7.46
C LEU A 121 -4.18 -13.55 8.87
N LYS A 122 -5.05 -12.58 9.01
CA LYS A 122 -5.36 -12.23 10.39
C LYS A 122 -6.30 -13.23 11.12
N THR A 123 -6.91 -14.18 10.41
CA THR A 123 -7.83 -15.09 11.06
C THR A 123 -7.16 -16.44 11.33
N GLN A 124 -6.03 -16.72 10.67
CA GLN A 124 -5.38 -18.04 10.84
C GLN A 124 -3.97 -18.14 10.27
N HIS A 125 -3.14 -18.98 10.91
CA HIS A 125 -1.87 -19.31 10.37
C HIS A 125 -2.09 -20.39 9.32
N LEU A 126 -1.60 -20.15 8.11
CA LEU A 126 -1.90 -21.09 7.02
C LEU A 126 -1.05 -22.34 7.15
N SER A 127 -1.58 -23.47 6.74
CA SER A 127 -0.81 -24.69 6.66
C SER A 127 0.18 -24.56 5.47
N ASN A 128 1.18 -25.41 5.49
CA ASN A 128 2.13 -25.43 4.41
C ASN A 128 1.48 -25.65 3.07
N ASP A 129 0.42 -26.49 3.02
CA ASP A 129 -0.20 -26.77 1.72
C ASP A 129 -0.87 -25.51 1.19
N HIS A 130 -1.60 -24.81 2.05
CA HIS A 130 -2.21 -23.55 1.62
C HIS A 130 -1.24 -22.51 1.18
N ILE A 131 -0.18 -22.31 1.94
CA ILE A 131 0.90 -21.42 1.50
C ILE A 131 1.40 -21.73 0.07
N CYS A 132 1.70 -23.00 -0.18
CA CYS A 132 2.26 -23.43 -1.44
C CYS A 132 1.32 -23.13 -2.59
N TYR A 133 0.06 -23.48 -2.38
CA TYR A 133 -0.94 -23.31 -3.38
C TYR A 133 -1.23 -21.81 -3.63
N PHE A 134 -1.20 -20.99 -2.58
CA PHE A 134 -1.44 -19.54 -2.79
C PHE A 134 -0.23 -18.95 -3.52
N LEU A 135 0.98 -19.38 -3.14
CA LEU A 135 2.19 -18.88 -3.79
C LEU A 135 2.17 -19.36 -5.28
N TYR A 136 1.86 -20.60 -5.52
CA TYR A 136 1.60 -20.99 -6.91
C TYR A 136 0.67 -20.03 -7.73
N GLN A 137 -0.56 -19.86 -7.28
CA GLN A 137 -1.52 -18.95 -7.90
C GLN A 137 -1.01 -17.53 -8.05
N ILE A 138 -0.27 -17.01 -7.06
CA ILE A 138 0.22 -15.62 -7.16
C ILE A 138 1.17 -15.54 -8.36
N LEU A 139 2.07 -16.52 -8.41
CA LEU A 139 3.18 -16.53 -9.45
C LEU A 139 2.60 -16.86 -10.81
N ARG A 140 1.56 -17.69 -10.87
CA ARG A 140 0.93 -18.06 -12.15
C ARG A 140 0.30 -16.83 -12.78
N GLY A 141 -0.40 -16.08 -11.94
CA GLY A 141 -0.97 -14.73 -12.28
C GLY A 141 0.14 -13.78 -12.71
N LEU A 142 1.19 -13.71 -11.90
CA LEU A 142 2.34 -12.80 -12.17
C LEU A 142 3.05 -13.13 -13.49
N LYS A 143 3.27 -14.44 -13.75
CA LYS A 143 3.77 -14.93 -15.03
C LYS A 143 3.04 -14.26 -16.20
N TYR A 144 1.74 -14.21 -16.12
CA TYR A 144 0.94 -13.65 -17.21
C TYR A 144 1.11 -12.10 -17.24
N ILE A 145 1.10 -11.44 -16.09
CA ILE A 145 1.27 -9.99 -16.07
C ILE A 145 2.68 -9.63 -16.68
N HIS A 146 3.72 -10.34 -16.29
CA HIS A 146 5.03 -9.99 -16.77
C HIS A 146 5.19 -10.34 -18.21
N SER A 147 4.52 -11.43 -18.63
CA SER A 147 4.55 -11.82 -20.05
C SER A 147 3.84 -10.74 -20.89
N ALA A 148 2.91 -9.97 -20.30
CA ALA A 148 2.30 -8.77 -20.96
C ALA A 148 3.09 -7.48 -20.94
N ASN A 149 4.31 -7.56 -20.47
CA ASN A 149 5.17 -6.38 -20.33
C ASN A 149 4.63 -5.30 -19.37
N VAL A 150 3.91 -5.77 -18.35
CA VAL A 150 3.35 -4.91 -17.32
C VAL A 150 4.04 -5.21 -15.96
N LEU A 151 4.20 -4.16 -15.17
CA LEU A 151 4.65 -4.24 -13.80
C LEU A 151 3.42 -3.88 -12.97
N HIS A 152 3.10 -4.75 -11.99
CA HIS A 152 1.96 -4.46 -11.10
C HIS A 152 2.29 -3.30 -10.10
N ARG A 153 3.46 -3.41 -9.49
CA ARG A 153 4.05 -2.34 -8.63
C ARG A 153 3.38 -2.15 -7.26
N ASP A 154 2.28 -2.81 -7.01
CA ASP A 154 1.57 -2.73 -5.70
C ASP A 154 1.04 -4.04 -5.24
N LEU A 155 1.83 -5.09 -5.39
CA LEU A 155 1.45 -6.36 -4.84
C LEU A 155 1.49 -6.38 -3.30
N LYS A 156 0.41 -6.87 -2.68
CA LYS A 156 0.35 -6.93 -1.20
C LYS A 156 -0.86 -7.84 -0.86
N PRO A 157 -0.98 -8.29 0.42
CA PRO A 157 -2.04 -9.25 0.67
C PRO A 157 -3.46 -8.74 0.34
N SER A 158 -3.72 -7.44 0.57
CA SER A 158 -5.05 -6.97 0.27
C SER A 158 -5.35 -6.89 -1.23
N ASN A 159 -4.34 -6.99 -2.12
CA ASN A 159 -4.57 -7.02 -3.56
C ASN A 159 -4.60 -8.45 -4.07
N LEU A 160 -4.69 -9.41 -3.13
CA LEU A 160 -4.83 -10.82 -3.46
C LEU A 160 -6.22 -11.33 -3.03
N LEU A 161 -7.17 -11.32 -3.97
CA LEU A 161 -8.56 -11.59 -3.61
C LEU A 161 -8.78 -13.07 -3.56
N LEU A 162 -9.72 -13.48 -2.72
CA LEU A 162 -9.87 -14.92 -2.50
C LEU A 162 -11.38 -15.22 -2.55
N ASN A 163 -11.82 -16.34 -3.12
CA ASN A 163 -13.27 -16.76 -3.02
C ASN A 163 -13.41 -17.78 -1.81
N THR A 164 -14.45 -18.61 -1.74
CA THR A 164 -14.56 -19.43 -0.56
C THR A 164 -13.84 -20.77 -0.76
N THR A 165 -13.24 -20.99 -1.93
CA THR A 165 -12.62 -22.27 -2.27
C THR A 165 -11.14 -22.15 -2.57
N CYS A 166 -10.50 -21.10 -2.05
CA CYS A 166 -9.04 -20.89 -2.18
C CYS A 166 -8.59 -20.46 -3.58
N ASP A 167 -9.50 -19.98 -4.40
CA ASP A 167 -9.11 -19.38 -5.66
C ASP A 167 -8.64 -17.95 -5.49
N LEU A 168 -7.45 -17.68 -5.98
CA LEU A 168 -6.80 -16.40 -5.81
C LEU A 168 -6.75 -15.55 -7.11
N LYS A 169 -7.06 -14.26 -7.01
CA LYS A 169 -7.05 -13.38 -8.17
C LYS A 169 -6.44 -12.02 -7.84
N ILE A 170 -5.27 -11.75 -8.39
CA ILE A 170 -4.58 -10.49 -8.16
C ILE A 170 -5.29 -9.35 -8.88
N CYS A 171 -5.79 -8.38 -8.11
CA CYS A 171 -6.49 -7.24 -8.67
C CYS A 171 -5.87 -5.93 -8.20
N ASP A 172 -6.30 -4.82 -8.80
CA ASP A 172 -5.79 -3.51 -8.43
C ASP A 172 -4.57 -3.14 -9.28
N PHE A 173 -4.83 -2.66 -10.49
CA PHE A 173 -3.75 -2.27 -11.40
C PHE A 173 -3.71 -0.76 -11.58
N GLY A 174 -4.11 -0.02 -10.54
CA GLY A 174 -4.12 1.42 -10.59
C GLY A 174 -2.72 2.01 -10.57
N LEU A 175 -1.77 1.24 -10.05
CA LEU A 175 -0.38 1.70 -9.97
C LEU A 175 0.52 0.84 -10.86
N ALA A 176 -0.07 0.20 -11.86
CA ALA A 176 0.68 -0.65 -12.78
C ALA A 176 1.22 0.20 -13.93
N ARG A 177 2.31 -0.26 -14.54
CA ARG A 177 2.96 0.41 -15.63
C ARG A 177 3.50 -0.61 -16.65
N VAL A 178 3.53 -0.20 -17.92
CA VAL A 178 4.19 -1.00 -18.94
C VAL A 178 5.64 -0.85 -18.64
N ALA A 179 6.43 -1.91 -18.84
CA ALA A 179 7.87 -1.81 -18.74
C ALA A 179 8.37 -1.24 -20.06
N ASP A 180 8.77 0.04 -20.05
CA ASP A 180 9.48 0.64 -21.18
C ASP A 180 10.98 0.65 -20.83
N PRO A 181 11.77 -0.14 -21.56
CA PRO A 181 13.22 -0.21 -21.31
C PRO A 181 13.84 1.16 -21.19
N ASP A 182 13.71 1.98 -22.24
CA ASP A 182 14.27 3.32 -22.24
C ASP A 182 13.16 4.38 -22.25
N HIS A 183 13.57 5.64 -22.41
CA HIS A 183 12.61 6.74 -22.44
C HIS A 183 12.06 7.04 -21.04
N ASP A 184 11.01 7.85 -20.99
CA ASP A 184 10.40 8.22 -19.72
C ASP A 184 10.41 7.05 -18.75
N HIS A 185 11.51 6.90 -18.02
CA HIS A 185 11.65 5.83 -17.05
C HIS A 185 10.83 6.10 -15.79
N THR A 186 9.80 5.29 -15.58
CA THR A 186 8.94 5.45 -14.41
C THR A 186 9.70 6.02 -13.22
N GLY A 187 9.00 6.76 -12.37
CA GLY A 187 7.59 6.99 -12.55
C GLY A 187 7.03 6.62 -11.18
N PHE A 188 6.68 7.65 -10.42
CA PHE A 188 6.40 7.56 -8.98
C PHE A 188 5.19 6.68 -8.59
N LEU A 189 5.14 6.31 -7.32
CA LEU A 189 4.02 5.55 -6.78
C LEU A 189 3.11 6.49 -5.95
N THR A 190 2.13 7.10 -6.62
CA THR A 190 1.42 8.25 -6.04
C THR A 190 0.11 7.92 -5.29
N GLU A 191 0.05 6.79 -4.59
CA GLU A 191 -1.12 6.48 -3.73
C GLU A 191 -0.69 6.45 -2.26
N TYR A 192 -0.26 7.62 -1.80
CA TYR A 192 0.65 7.81 -0.67
C TYR A 192 0.24 7.29 0.69
N VAL A 193 -1.05 6.97 0.88
CA VAL A 193 -1.61 6.49 2.16
C VAL A 193 -1.49 4.96 2.50
N ALA A 194 -1.25 4.09 1.53
CA ALA A 194 -1.44 2.65 1.74
C ALA A 194 -0.12 2.05 2.18
N THR A 195 -0.03 0.74 2.49
CA THR A 195 1.24 0.24 3.04
C THR A 195 2.41 0.35 2.09
N ARG A 196 3.62 0.55 2.62
CA ARG A 196 4.86 0.44 1.83
C ARG A 196 5.71 -0.83 2.15
N TRP A 197 5.16 -1.68 3.00
CA TRP A 197 5.88 -2.84 3.55
C TRP A 197 6.35 -3.86 2.50
N TYR A 198 5.72 -3.79 1.33
CA TYR A 198 5.94 -4.74 0.23
C TYR A 198 6.77 -4.14 -0.87
N ARG A 199 7.21 -2.87 -0.69
CA ARG A 199 7.93 -2.15 -1.75
C ARG A 199 9.42 -2.51 -1.79
N ALA A 200 9.93 -2.82 -2.99
CA ALA A 200 11.32 -3.16 -3.14
C ALA A 200 12.30 -2.05 -2.62
N PRO A 201 13.50 -2.46 -2.17
CA PRO A 201 14.34 -1.45 -1.58
C PRO A 201 14.83 -0.39 -2.60
N GLU A 202 14.90 -0.74 -3.88
CA GLU A 202 15.20 0.26 -4.92
C GLU A 202 14.12 1.36 -5.15
N ILE A 203 12.84 1.06 -4.87
CA ILE A 203 11.83 2.08 -4.87
C ILE A 203 12.06 2.99 -3.66
N MET A 204 12.56 2.45 -2.55
CA MET A 204 12.64 3.26 -1.30
C MET A 204 13.78 4.26 -1.44
N LEU A 205 14.76 3.83 -2.23
CA LEU A 205 15.96 4.56 -2.60
C LEU A 205 15.67 5.49 -3.78
N ASN A 206 14.42 5.53 -4.24
CA ASN A 206 14.10 6.30 -5.45
C ASN A 206 14.96 5.97 -6.67
N SER A 207 15.07 4.69 -7.01
CA SER A 207 15.87 4.27 -8.15
C SER A 207 15.31 4.81 -9.46
N LYS A 208 16.10 4.69 -10.51
CA LYS A 208 15.69 5.17 -11.83
C LYS A 208 14.72 4.20 -12.49
N GLY A 209 15.23 3.35 -13.37
CA GLY A 209 14.41 2.37 -14.06
C GLY A 209 14.37 1.00 -13.43
N TYR A 210 13.41 0.80 -12.53
CA TYR A 210 13.16 -0.50 -11.97
C TYR A 210 12.31 -1.38 -12.88
N THR A 211 12.34 -2.66 -12.59
CA THR A 211 11.94 -3.65 -13.56
C THR A 211 10.91 -4.57 -12.92
N LYS A 212 10.64 -5.65 -13.62
CA LYS A 212 9.73 -6.67 -13.16
C LYS A 212 10.14 -7.17 -11.78
N SER A 213 11.40 -6.94 -11.43
CA SER A 213 11.96 -7.54 -10.27
C SER A 213 11.34 -6.95 -8.96
N ILE A 214 10.71 -5.78 -9.06
CA ILE A 214 10.05 -5.15 -7.92
C ILE A 214 8.84 -5.98 -7.53
N ASP A 215 8.21 -6.63 -8.49
CA ASP A 215 7.02 -7.37 -8.15
C ASP A 215 7.46 -8.69 -7.49
N ILE A 216 8.60 -9.28 -7.93
CA ILE A 216 9.14 -10.52 -7.30
C ILE A 216 9.55 -10.24 -5.81
N TRP A 217 10.08 -9.03 -5.55
CA TRP A 217 10.31 -8.62 -4.13
C TRP A 217 9.03 -8.59 -3.31
N SER A 218 7.97 -7.95 -3.80
CA SER A 218 6.69 -7.95 -3.11
C SER A 218 6.16 -9.37 -2.86
N VAL A 219 6.28 -10.25 -3.85
CA VAL A 219 5.85 -11.59 -3.66
C VAL A 219 6.67 -12.30 -2.58
N GLY A 220 7.98 -12.10 -2.56
CA GLY A 220 8.84 -12.63 -1.47
C GLY A 220 8.38 -12.13 -0.07
N CYS A 221 7.97 -10.86 0.04
CA CYS A 221 7.42 -10.28 1.31
C CYS A 221 6.14 -10.95 1.64
N ILE A 222 5.29 -11.19 0.66
CA ILE A 222 4.00 -11.93 0.93
C ILE A 222 4.27 -13.38 1.35
N LEU A 223 5.19 -14.04 0.68
CA LEU A 223 5.56 -15.41 1.09
C LEU A 223 5.98 -15.44 2.56
N ALA A 224 6.90 -14.57 2.91
CA ALA A 224 7.46 -14.50 4.23
C ALA A 224 6.35 -14.33 5.27
N GLU A 225 5.40 -13.44 5.00
CA GLU A 225 4.27 -13.18 5.85
C GLU A 225 3.33 -14.40 5.92
N MET A 226 3.18 -15.11 4.83
CA MET A 226 2.35 -16.35 4.95
C MET A 226 3.03 -17.39 5.82
N LEU A 227 4.36 -17.42 5.80
CA LEU A 227 5.12 -18.42 6.60
C LEU A 227 5.04 -18.18 8.10
N SER A 228 4.94 -16.91 8.54
CA SER A 228 5.01 -16.63 9.96
C SER A 228 3.78 -15.88 10.41
N ASN A 229 2.96 -15.44 9.47
CA ASN A 229 1.78 -14.72 9.82
C ASN A 229 2.01 -13.30 10.31
N ARG A 230 3.21 -12.75 10.10
CA ARG A 230 3.39 -11.34 10.33
C ARG A 230 4.26 -10.76 9.22
N PRO A 231 4.08 -9.50 8.94
CA PRO A 231 4.84 -8.82 7.88
C PRO A 231 6.33 -8.85 8.19
N ILE A 232 7.10 -9.00 7.15
CA ILE A 232 8.51 -9.22 7.38
C ILE A 232 9.30 -7.96 7.49
N PHE A 233 8.88 -6.92 6.77
CA PHE A 233 9.60 -5.64 6.84
C PHE A 233 8.58 -4.53 7.14
N PRO A 234 8.07 -4.50 8.37
CA PRO A 234 7.02 -3.46 8.58
C PRO A 234 7.53 -2.06 8.94
N GLY A 235 8.24 -1.37 8.04
CA GLY A 235 8.79 -0.08 8.36
C GLY A 235 7.71 1.02 8.57
N LYS A 236 8.08 2.00 9.37
CA LYS A 236 7.20 3.10 9.69
C LYS A 236 7.35 4.22 8.69
N HIS A 237 8.45 4.19 7.94
CA HIS A 237 8.76 5.18 6.92
C HIS A 237 9.87 4.57 6.08
N TYR A 238 10.31 5.29 5.04
CA TYR A 238 11.25 4.77 4.07
C TYR A 238 12.57 4.36 4.71
N LEU A 239 13.05 5.17 5.68
CA LEU A 239 14.29 4.87 6.34
C LEU A 239 14.11 3.72 7.33
N ASP A 240 12.98 3.64 8.01
CA ASP A 240 12.77 2.49 8.89
C ASP A 240 12.52 1.19 8.04
N GLN A 241 11.86 1.32 6.92
CA GLN A 241 11.77 0.18 5.98
C GLN A 241 13.19 -0.35 5.60
N LEU A 242 14.07 0.53 5.13
CA LEU A 242 15.45 0.13 4.79
C LEU A 242 16.11 -0.59 5.95
N ASN A 243 15.91 -0.07 7.16
CA ASN A 243 16.57 -0.63 8.33
C ASN A 243 16.08 -2.03 8.62
N HIS A 244 14.77 -2.21 8.48
CA HIS A 244 14.17 -3.59 8.60
C HIS A 244 14.76 -4.53 7.60
N ILE A 245 14.76 -4.07 6.36
CA ILE A 245 15.33 -4.88 5.29
C ILE A 245 16.81 -5.20 5.55
N LEU A 246 17.65 -4.17 5.76
CA LEU A 246 19.07 -4.43 5.99
C LEU A 246 19.36 -5.23 7.24
N GLY A 247 18.45 -5.17 8.21
CA GLY A 247 18.60 -5.90 9.49
C GLY A 247 18.52 -7.41 9.31
N ILE A 248 17.78 -7.85 8.29
CA ILE A 248 17.59 -9.28 7.93
C ILE A 248 18.55 -9.73 6.80
N LEU A 249 18.68 -8.92 5.77
CA LEU A 249 19.52 -9.27 4.62
C LEU A 249 21.02 -9.06 4.87
N GLY A 250 21.32 -8.20 5.85
CA GLY A 250 22.70 -7.75 6.13
C GLY A 250 23.00 -6.60 5.20
N SER A 251 24.09 -5.88 5.50
CA SER A 251 24.65 -4.84 4.62
C SER A 251 24.85 -5.35 3.22
N PRO A 252 24.44 -4.56 2.26
CA PRO A 252 24.71 -4.98 0.88
C PRO A 252 26.26 -5.05 0.56
N SER A 253 26.65 -5.99 -0.30
CA SER A 253 28.05 -6.11 -0.68
C SER A 253 28.48 -4.90 -1.51
N GLN A 254 29.78 -4.69 -1.65
CA GLN A 254 30.21 -3.59 -2.50
C GLN A 254 29.68 -3.79 -3.92
N GLU A 255 29.78 -5.03 -4.41
CA GLU A 255 29.20 -5.37 -5.70
C GLU A 255 27.77 -4.91 -5.89
N ASP A 256 26.93 -5.09 -4.86
CA ASP A 256 25.55 -4.65 -4.92
C ASP A 256 25.45 -3.16 -4.73
N LEU A 257 26.26 -2.58 -3.85
CA LEU A 257 26.34 -1.11 -3.73
C LEU A 257 26.75 -0.50 -5.04
N ASN A 258 27.75 -1.10 -5.67
CA ASN A 258 28.31 -0.50 -6.90
C ASN A 258 27.27 -0.40 -8.02
N CYS A 259 26.26 -1.27 -7.92
CA CYS A 259 25.14 -1.32 -8.88
C CYS A 259 24.13 -0.18 -8.72
N ILE A 260 24.24 0.54 -7.61
CA ILE A 260 23.27 1.56 -7.27
C ILE A 260 23.75 2.77 -8.04
N ILE A 261 22.92 3.28 -8.94
CA ILE A 261 23.33 4.45 -9.70
C ILE A 261 23.22 5.69 -8.83
N ASN A 262 22.05 5.90 -8.21
CA ASN A 262 21.82 7.12 -7.45
C ASN A 262 22.88 7.30 -6.38
N LEU A 263 23.61 8.41 -6.48
CA LEU A 263 24.78 8.63 -5.66
C LEU A 263 24.49 8.83 -4.18
N LYS A 264 23.43 9.57 -3.85
CA LYS A 264 23.19 9.88 -2.44
C LYS A 264 22.49 8.74 -1.69
N ALA A 265 21.82 7.88 -2.48
CA ALA A 265 21.36 6.58 -2.03
C ALA A 265 22.52 5.65 -1.71
N ARG A 266 23.47 5.51 -2.64
CA ARG A 266 24.63 4.68 -2.39
C ARG A 266 25.45 5.22 -1.18
N ASN A 267 25.68 6.52 -1.21
CA ASN A 267 26.38 7.24 -0.13
C ASN A 267 25.65 7.02 1.21
N TYR A 268 24.32 7.06 1.21
CA TYR A 268 23.56 6.83 2.43
C TYR A 268 23.79 5.38 2.95
N LEU A 269 23.63 4.36 2.10
CA LEU A 269 23.92 2.96 2.55
C LEU A 269 25.35 2.75 3.04
N LEU A 270 26.32 3.38 2.37
CA LEU A 270 27.73 3.37 2.79
C LEU A 270 27.91 4.02 4.14
N SER A 271 27.06 4.99 4.49
CA SER A 271 27.18 5.63 5.82
C SER A 271 26.82 4.70 7.00
N LEU A 272 26.14 3.56 6.75
CA LEU A 272 25.48 2.90 7.86
C LEU A 272 26.40 1.87 8.55
N PRO A 273 26.19 1.55 9.84
CA PRO A 273 27.02 0.45 10.45
C PRO A 273 26.81 -0.90 9.82
N HIS A 274 27.81 -1.77 9.83
CA HIS A 274 27.66 -3.12 9.23
C HIS A 274 26.56 -3.90 9.97
N LYS A 275 25.71 -4.57 9.22
CA LYS A 275 24.70 -5.53 9.72
C LYS A 275 25.00 -6.87 9.03
N ASN A 276 24.95 -7.94 9.82
CA ASN A 276 25.11 -9.28 9.22
C ASN A 276 23.76 -9.85 8.84
N LYS A 277 23.76 -10.76 7.86
CA LYS A 277 22.62 -11.51 7.37
C LYS A 277 22.04 -12.39 8.50
N VAL A 278 20.71 -12.40 8.68
CA VAL A 278 20.09 -13.32 9.63
C VAL A 278 19.62 -14.50 8.78
N PRO A 279 20.11 -15.72 9.09
CA PRO A 279 19.75 -16.91 8.27
C PRO A 279 18.27 -17.07 8.28
N TRP A 280 17.71 -17.47 7.15
CA TRP A 280 16.29 -17.52 7.05
C TRP A 280 15.70 -18.58 7.99
N ASN A 281 16.39 -19.69 8.17
CA ASN A 281 15.94 -20.66 9.14
C ASN A 281 15.95 -20.16 10.63
N ARG A 282 16.64 -19.07 10.92
CA ARG A 282 16.54 -18.58 12.28
C ARG A 282 15.25 -17.75 12.42
N LEU A 283 14.84 -17.06 11.37
CA LEU A 283 13.60 -16.32 11.47
C LEU A 283 12.45 -17.24 11.29
N PHE A 284 12.65 -18.29 10.47
CA PHE A 284 11.53 -19.13 10.16
C PHE A 284 11.88 -20.59 10.45
N PRO A 285 12.04 -20.92 11.73
CA PRO A 285 12.55 -22.29 12.03
C PRO A 285 11.61 -23.46 11.66
N ASN A 286 10.31 -23.24 11.44
CA ASN A 286 9.39 -24.32 11.08
C ASN A 286 8.90 -24.35 9.67
N ALA A 287 9.38 -23.42 8.85
CA ALA A 287 8.94 -23.32 7.48
C ALA A 287 9.63 -24.44 6.67
N ASP A 288 9.00 -24.82 5.58
CA ASP A 288 9.53 -25.77 4.65
C ASP A 288 10.90 -25.25 4.14
N SER A 289 11.91 -26.10 4.18
CA SER A 289 13.25 -25.67 3.77
C SER A 289 13.29 -25.24 2.26
N LYS A 290 12.38 -25.71 1.45
CA LYS A 290 12.39 -25.27 0.05
C LYS A 290 11.70 -23.93 -0.10
N ALA A 291 10.67 -23.66 0.70
CA ALA A 291 10.02 -22.35 0.60
C ALA A 291 11.09 -21.30 1.02
N LEU A 292 11.94 -21.65 2.00
CA LEU A 292 12.96 -20.72 2.44
C LEU A 292 14.03 -20.49 1.40
N ASP A 293 14.36 -21.53 0.62
CA ASP A 293 15.37 -21.38 -0.40
C ASP A 293 14.85 -20.45 -1.51
N LEU A 294 13.56 -20.59 -1.82
CA LEU A 294 12.89 -19.74 -2.78
C LEU A 294 12.76 -18.34 -2.23
N LEU A 295 12.40 -18.25 -0.94
CA LEU A 295 12.26 -16.95 -0.38
C LEU A 295 13.58 -16.17 -0.51
N ASP A 296 14.65 -16.87 -0.21
CA ASP A 296 16.01 -16.30 -0.31
C ASP A 296 16.26 -15.70 -1.70
N LYS A 297 15.82 -16.39 -2.76
CA LYS A 297 16.03 -15.93 -4.16
C LYS A 297 15.13 -14.78 -4.54
N MET A 298 13.98 -14.64 -3.85
CA MET A 298 13.10 -13.50 -4.12
C MET A 298 13.59 -12.24 -3.41
N LEU A 299 13.90 -12.39 -2.15
CA LEU A 299 14.30 -11.27 -1.34
C LEU A 299 15.80 -11.01 -1.40
N THR A 300 16.31 -10.84 -2.60
CA THR A 300 17.69 -10.52 -2.88
C THR A 300 17.79 -8.98 -2.98
N PHE A 301 18.77 -8.35 -2.32
CA PHE A 301 18.81 -6.89 -2.36
C PHE A 301 18.97 -6.43 -3.82
N ASN A 302 19.81 -7.13 -4.56
CA ASN A 302 20.15 -6.62 -5.88
C ASN A 302 19.04 -7.10 -6.84
N PRO A 303 18.33 -6.13 -7.47
CA PRO A 303 17.23 -6.40 -8.40
C PRO A 303 17.61 -7.30 -9.56
N HIS A 304 18.86 -7.19 -10.05
CA HIS A 304 19.34 -8.03 -11.13
C HIS A 304 19.54 -9.46 -10.63
N LYS A 305 19.74 -9.68 -9.34
CA LYS A 305 20.09 -11.03 -8.88
C LYS A 305 18.85 -11.81 -8.44
N ARG A 306 17.72 -11.15 -8.43
CA ARG A 306 16.48 -11.76 -7.99
C ARG A 306 15.97 -12.75 -8.99
N ILE A 307 15.34 -13.81 -8.48
CA ILE A 307 14.74 -14.77 -9.34
C ILE A 307 13.61 -14.11 -10.19
N GLU A 308 13.47 -14.60 -11.42
CA GLU A 308 12.40 -14.21 -12.31
C GLU A 308 11.20 -15.13 -12.15
N VAL A 309 10.07 -14.69 -12.69
CA VAL A 309 8.80 -15.35 -12.44
C VAL A 309 8.77 -16.78 -12.98
N GLU A 310 9.22 -17.02 -14.21
CA GLU A 310 9.31 -18.36 -14.67
C GLU A 310 10.19 -19.30 -13.87
N GLN A 311 11.39 -18.86 -13.46
CA GLN A 311 12.30 -19.66 -12.61
C GLN A 311 11.72 -19.91 -11.19
N ALA A 312 10.96 -18.96 -10.63
CA ALA A 312 10.25 -19.20 -9.42
C ALA A 312 9.18 -20.31 -9.57
N LEU A 313 8.40 -20.33 -10.65
CA LEU A 313 7.37 -21.39 -10.88
C LEU A 313 8.08 -22.76 -10.94
N ALA A 314 9.28 -22.79 -11.50
CA ALA A 314 9.98 -24.05 -11.70
C ALA A 314 10.83 -24.40 -10.46
N HIS A 315 10.73 -23.57 -9.40
CA HIS A 315 11.50 -23.90 -8.17
C HIS A 315 10.97 -25.20 -7.49
N PRO A 316 11.83 -26.00 -6.85
CA PRO A 316 11.29 -27.26 -6.28
C PRO A 316 10.16 -27.11 -5.26
N TYR A 317 10.10 -25.94 -4.59
CA TYR A 317 9.03 -25.72 -3.64
C TYR A 317 7.67 -25.87 -4.28
N LEU A 318 7.56 -25.48 -5.57
CA LEU A 318 6.29 -25.54 -6.26
C LEU A 318 6.12 -26.76 -7.16
N GLU A 319 6.99 -27.74 -7.05
CA GLU A 319 6.96 -28.92 -7.96
C GLU A 319 5.63 -29.62 -8.13
N GLN A 320 4.84 -29.65 -7.07
CA GLN A 320 3.56 -30.32 -7.14
C GLN A 320 2.55 -29.60 -8.01
N TYR A 321 2.77 -28.30 -8.28
CA TYR A 321 1.82 -27.55 -9.14
C TYR A 321 2.34 -27.18 -10.53
N TYR A 322 3.64 -27.04 -10.61
CA TYR A 322 4.28 -26.40 -11.75
C TYR A 322 3.90 -27.16 -13.03
N ASP A 323 3.24 -26.48 -13.95
CA ASP A 323 2.74 -27.13 -15.18
C ASP A 323 2.74 -26.06 -16.26
N PRO A 324 3.86 -25.88 -16.93
CA PRO A 324 4.07 -24.83 -17.91
C PRO A 324 2.98 -24.78 -18.95
N SER A 325 2.41 -25.95 -19.30
CA SER A 325 1.43 -26.00 -20.38
C SER A 325 0.07 -25.48 -19.94
N ASP A 326 -0.11 -25.36 -18.62
CA ASP A 326 -1.35 -24.85 -17.97
C ASP A 326 -1.07 -23.48 -17.26
N GLU A 327 -0.04 -22.76 -17.72
CA GLU A 327 0.44 -21.46 -17.15
C GLU A 327 0.58 -20.47 -18.34
N PRO A 328 -0.55 -19.90 -18.76
CA PRO A 328 -0.66 -19.15 -20.03
C PRO A 328 0.08 -17.83 -20.00
N ILE A 329 0.42 -17.32 -21.20
CA ILE A 329 1.04 -16.01 -21.33
C ILE A 329 0.09 -15.10 -22.11
N ALA A 330 0.37 -13.79 -22.16
CA ALA A 330 -0.55 -12.85 -22.78
C ALA A 330 -0.44 -12.93 -24.30
N GLU A 331 -1.57 -12.92 -24.99
CA GLU A 331 -1.55 -13.08 -26.47
C GLU A 331 -1.19 -11.73 -27.13
N ALA A 332 -1.43 -10.65 -26.38
CA ALA A 332 -1.14 -9.28 -26.86
C ALA A 332 -0.43 -8.38 -25.83
N PRO A 333 0.92 -8.43 -25.80
CA PRO A 333 1.55 -7.61 -24.75
C PRO A 333 1.45 -6.11 -25.07
N PHE A 334 1.60 -5.31 -24.02
CA PHE A 334 1.58 -3.84 -24.11
C PHE A 334 2.96 -3.46 -24.56
N LYS A 335 3.06 -2.48 -25.46
CA LYS A 335 4.35 -2.24 -26.13
C LYS A 335 5.24 -1.18 -25.48
N PHE A 336 4.59 -0.16 -24.98
CA PHE A 336 5.27 1.06 -24.64
C PHE A 336 4.43 1.64 -23.55
N ASP A 337 5.04 2.47 -22.71
CA ASP A 337 4.30 3.43 -21.88
C ASP A 337 3.13 4.00 -22.65
N MET A 338 1.96 3.96 -22.03
CA MET A 338 0.80 4.71 -22.49
C MET A 338 1.18 6.18 -22.27
N GLU A 339 1.05 7.03 -23.25
CA GLU A 339 1.68 8.34 -23.05
C GLU A 339 0.71 9.28 -22.34
N LEU A 340 0.69 9.16 -21.00
CA LEU A 340 -0.36 9.75 -20.16
C LEU A 340 0.10 10.94 -19.33
N ASP A 341 1.32 10.89 -18.78
CA ASP A 341 1.81 11.94 -17.86
C ASP A 341 1.62 13.40 -18.34
N ASP A 342 1.97 13.68 -19.59
CA ASP A 342 1.81 15.04 -20.08
C ASP A 342 0.36 15.37 -20.49
N LEU A 343 -0.44 14.34 -20.78
CA LEU A 343 -1.80 14.54 -21.35
C LEU A 343 -2.81 15.15 -20.36
N PRO A 344 -3.59 16.17 -20.80
CA PRO A 344 -4.47 16.85 -19.84
C PRO A 344 -5.74 16.04 -19.55
N LYS A 345 -6.39 16.29 -18.40
CA LYS A 345 -7.57 15.51 -17.93
C LYS A 345 -8.82 15.50 -18.86
N GLU A 346 -8.97 16.50 -19.74
CA GLU A 346 -10.02 16.51 -20.78
C GLU A 346 -9.69 15.48 -21.88
N LYS A 347 -8.40 15.31 -22.14
CA LYS A 347 -7.99 14.40 -23.21
C LYS A 347 -8.17 12.95 -22.71
N LEU A 348 -7.63 12.68 -21.52
CA LEU A 348 -7.82 11.41 -20.84
C LEU A 348 -9.31 11.01 -20.73
N LYS A 349 -10.19 12.01 -20.60
CA LYS A 349 -11.64 11.83 -20.59
C LYS A 349 -12.14 11.18 -21.88
N GLU A 350 -11.59 11.64 -23.00
CA GLU A 350 -11.84 11.03 -24.32
C GLU A 350 -11.44 9.56 -24.47
N LEU A 351 -10.25 9.18 -24.00
CA LEU A 351 -9.80 7.79 -24.22
C LEU A 351 -10.53 6.82 -23.31
N ILE A 352 -10.71 7.22 -22.04
CA ILE A 352 -11.61 6.47 -21.13
C ILE A 352 -12.97 6.26 -21.82
N PHE A 353 -13.51 7.31 -22.43
CA PHE A 353 -14.81 7.12 -23.11
C PHE A 353 -14.72 6.03 -24.19
N GLU A 354 -13.59 5.96 -24.90
CA GLU A 354 -13.43 5.04 -26.04
C GLU A 354 -13.08 3.64 -25.56
N GLU A 355 -12.16 3.54 -24.62
CA GLU A 355 -11.87 2.22 -24.01
C GLU A 355 -13.13 1.46 -23.58
N THR A 356 -14.20 2.19 -23.21
CA THR A 356 -15.37 1.58 -22.55
C THR A 356 -16.48 1.21 -23.52
N ALA A 357 -16.18 1.35 -24.81
CA ALA A 357 -17.25 1.34 -25.84
C ALA A 357 -17.79 -0.04 -26.17
N ARG A 358 -16.94 -1.07 -25.97
CA ARG A 358 -17.31 -2.46 -26.24
C ARG A 358 -18.53 -2.98 -25.45
N PHE A 359 -18.85 -2.31 -24.34
CA PHE A 359 -20.00 -2.65 -23.48
C PHE A 359 -21.29 -1.88 -23.72
N GLN A 360 -21.25 -0.82 -24.51
CA GLN A 360 -22.43 -0.14 -25.17
C GLN A 360 -22.13 1.37 -25.25
N ASP B 13 -3.76 -4.53 37.13
CA ASP B 13 -3.21 -3.37 36.43
C ASP B 13 -4.20 -2.79 35.41
N LEU B 14 -4.73 -1.62 35.80
CA LEU B 14 -5.63 -0.88 34.93
C LEU B 14 -4.87 -0.30 33.74
N GLY B 15 -3.61 0.09 33.98
CA GLY B 15 -2.70 0.53 32.92
C GLY B 15 -2.83 -0.36 31.68
N LYS B 16 -2.66 -1.66 31.88
CA LYS B 16 -2.72 -2.64 30.77
C LYS B 16 -4.08 -2.69 30.06
N LYS B 17 -5.17 -2.61 30.82
CA LYS B 17 -6.53 -2.56 30.24
C LYS B 17 -6.81 -1.23 29.51
N LEU B 18 -6.26 -0.12 30.00
CA LEU B 18 -6.51 1.16 29.33
C LEU B 18 -5.90 1.20 27.92
N LEU B 19 -4.70 0.65 27.75
CA LEU B 19 -4.04 0.66 26.44
C LEU B 19 -4.92 0.01 25.36
N GLU B 20 -5.36 -1.22 25.62
CA GLU B 20 -6.29 -1.96 24.75
C GLU B 20 -7.59 -1.23 24.44
N ALA B 21 -8.27 -0.81 25.50
CA ALA B 21 -9.43 0.05 25.40
C ALA B 21 -9.14 1.21 24.44
N ALA B 22 -8.02 1.89 24.62
CA ALA B 22 -7.65 3.00 23.75
C ALA B 22 -7.38 2.51 22.31
N ARG B 23 -6.66 1.40 22.18
CA ARG B 23 -6.34 0.84 20.88
C ARG B 23 -7.59 0.32 20.18
N ALA B 24 -8.62 0.02 20.97
CA ALA B 24 -9.87 -0.49 20.43
C ALA B 24 -10.74 0.64 19.88
N GLY B 25 -10.74 1.77 20.58
CA GLY B 25 -11.52 2.92 20.16
C GLY B 25 -12.81 3.06 20.95
N GLN B 26 -12.87 2.39 22.10
CA GLN B 26 -14.06 2.44 22.95
C GLN B 26 -14.00 3.64 23.89
N ASP B 27 -14.89 4.60 23.67
CA ASP B 27 -14.95 5.81 24.50
C ASP B 27 -15.39 5.53 25.94
N ASP B 28 -16.37 4.64 26.11
CA ASP B 28 -16.91 4.37 27.45
C ASP B 28 -15.93 3.59 28.30
N GLU B 29 -15.24 2.61 27.72
CA GLU B 29 -14.35 1.77 28.54
C GLU B 29 -13.22 2.64 29.09
N VAL B 30 -12.61 3.40 28.17
CA VAL B 30 -11.65 4.45 28.50
C VAL B 30 -12.11 5.29 29.68
N ARG B 31 -13.33 5.79 29.65
CA ARG B 31 -13.78 6.66 30.73
C ARG B 31 -13.85 5.93 32.09
N ILE B 32 -14.45 4.75 32.08
CA ILE B 32 -14.69 3.92 33.24
C ILE B 32 -13.33 3.55 33.84
N LEU B 33 -12.39 3.11 33.01
CA LEU B 33 -11.05 2.74 33.48
C LEU B 33 -10.37 3.97 34.10
N MET B 34 -10.47 5.11 33.42
CA MET B 34 -9.92 6.34 33.95
C MET B 34 -10.60 6.79 35.24
N ALA B 35 -11.92 6.69 35.31
CA ALA B 35 -12.63 7.00 36.54
C ALA B 35 -12.14 6.11 37.72
N ASN B 36 -11.78 4.87 37.41
CA ASN B 36 -11.28 3.96 38.43
C ASN B 36 -9.79 4.07 38.73
N GLY B 37 -9.14 5.05 38.09
CA GLY B 37 -7.71 5.26 38.35
C GLY B 37 -6.69 4.74 37.37
N ALA B 38 -7.09 4.13 36.26
CA ALA B 38 -6.10 3.73 35.21
C ALA B 38 -5.01 4.79 35.03
N ASP B 39 -3.76 4.36 34.94
CA ASP B 39 -2.58 5.22 34.65
C ASP B 39 -2.62 5.73 33.17
N VAL B 40 -2.95 7.01 32.96
CA VAL B 40 -2.99 7.56 31.62
C VAL B 40 -1.67 7.53 30.91
N ASN B 41 -0.60 7.41 31.70
CA ASN B 41 0.74 7.36 31.17
C ASN B 41 1.35 5.95 31.18
N ALA B 42 0.50 4.91 31.28
CA ALA B 42 0.98 3.53 31.14
C ALA B 42 1.60 3.34 29.77
N HIS B 43 2.42 2.34 29.60
CA HIS B 43 2.96 2.08 28.28
C HIS B 43 3.10 0.57 28.04
N ASP B 44 2.98 0.15 26.78
CA ASP B 44 3.31 -1.21 26.40
C ASP B 44 4.84 -1.41 26.21
N ASP B 45 5.22 -2.58 25.72
CA ASP B 45 6.63 -2.95 25.72
C ASP B 45 7.41 -2.14 24.69
N GLN B 46 6.72 -1.77 23.62
CA GLN B 46 7.18 -0.88 22.56
C GLN B 46 6.96 0.65 22.87
N GLY B 47 6.55 0.96 24.11
CA GLY B 47 6.49 2.36 24.57
C GLY B 47 5.30 3.19 24.09
N SER B 48 4.35 2.54 23.41
CA SER B 48 3.08 3.16 23.07
C SER B 48 2.31 3.44 24.34
N THR B 49 1.84 4.68 24.49
CA THR B 49 0.92 5.06 25.58
C THR B 49 -0.50 5.06 25.05
N PRO B 50 -1.51 5.16 25.95
CA PRO B 50 -2.90 5.23 25.39
C PRO B 50 -3.09 6.44 24.42
N LEU B 51 -2.37 7.55 24.66
CA LEU B 51 -2.44 8.71 23.74
C LEU B 51 -1.90 8.37 22.33
N HIS B 52 -0.73 7.71 22.23
CA HIS B 52 -0.20 7.23 20.94
C HIS B 52 -1.32 6.37 20.29
N LEU B 53 -1.82 5.36 21.00
CA LEU B 53 -2.76 4.44 20.34
C LEU B 53 -4.03 5.15 19.83
N ALA B 54 -4.61 5.99 20.64
CA ALA B 54 -5.80 6.75 20.20
C ALA B 54 -5.47 7.70 19.03
N ALA B 55 -4.27 8.30 19.05
CA ALA B 55 -3.87 9.19 17.94
C ALA B 55 -3.60 8.43 16.63
N TRP B 56 -3.11 7.21 16.73
CA TRP B 56 -2.83 6.37 15.57
C TRP B 56 -4.15 5.91 14.92
N ILE B 57 -5.04 5.34 15.72
CA ILE B 57 -6.31 4.83 15.17
C ILE B 57 -7.27 5.98 14.73
N GLY B 58 -7.26 7.11 15.43
CA GLY B 58 -8.05 8.26 15.01
C GLY B 58 -9.33 8.47 15.82
N HIS B 59 -9.19 8.44 17.15
CA HIS B 59 -10.31 8.61 18.04
C HIS B 59 -10.23 9.96 18.75
N PRO B 60 -10.72 11.04 18.11
CA PRO B 60 -10.60 12.40 18.61
C PRO B 60 -11.02 12.61 20.05
N GLU B 61 -12.13 12.00 20.45
CA GLU B 61 -12.65 12.21 21.81
C GLU B 61 -11.78 11.52 22.82
N ILE B 62 -11.20 10.39 22.44
CA ILE B 62 -10.34 9.73 23.39
C ILE B 62 -9.02 10.53 23.56
N VAL B 63 -8.54 11.06 22.42
CA VAL B 63 -7.27 11.84 22.50
C VAL B 63 -7.46 13.00 23.50
N GLU B 64 -8.61 13.68 23.38
CA GLU B 64 -9.09 14.75 24.28
C GLU B 64 -9.16 14.39 25.76
N VAL B 65 -9.81 13.29 26.13
CA VAL B 65 -9.96 12.97 27.56
C VAL B 65 -8.66 12.55 28.21
N LEU B 66 -7.84 11.79 27.49
CA LEU B 66 -6.47 11.51 27.99
C LEU B 66 -5.68 12.79 28.24
N LEU B 67 -5.76 13.74 27.29
CA LEU B 67 -4.96 15.00 27.44
C LEU B 67 -5.49 15.78 28.64
N LYS B 68 -6.82 15.90 28.69
CA LYS B 68 -7.58 16.48 29.78
C LYS B 68 -7.14 15.90 31.16
N HIS B 69 -6.77 14.61 31.18
CA HIS B 69 -6.40 13.97 32.44
C HIS B 69 -4.89 13.77 32.67
N GLY B 70 -4.08 14.57 31.98
CA GLY B 70 -2.63 14.60 32.21
C GLY B 70 -1.77 13.73 31.30
N ALA B 71 -2.33 13.20 30.23
CA ALA B 71 -1.50 12.37 29.34
C ALA B 71 -0.31 13.18 28.84
N ASP B 72 0.88 12.60 28.87
CA ASP B 72 2.06 13.26 28.30
C ASP B 72 1.90 13.40 26.77
N VAL B 73 1.62 14.63 26.31
CA VAL B 73 1.41 14.96 24.92
C VAL B 73 2.64 14.62 24.07
N ASN B 74 3.83 14.62 24.69
CA ASN B 74 5.05 14.44 23.94
C ASN B 74 5.74 13.12 24.26
N ALA B 75 5.00 12.14 24.81
CA ALA B 75 5.62 10.83 25.12
C ALA B 75 6.23 10.22 23.83
N ARG B 76 7.40 9.61 23.92
CA ARG B 76 8.03 8.97 22.74
C ARG B 76 7.97 7.48 22.85
N ASP B 77 7.57 6.80 21.79
CA ASP B 77 7.67 5.30 21.78
C ASP B 77 9.13 4.83 21.54
N THR B 78 9.42 3.55 21.36
CA THR B 78 10.85 3.21 21.23
C THR B 78 11.51 3.63 19.88
N ASP B 79 10.70 4.01 18.91
CA ASP B 79 11.23 4.52 17.65
C ASP B 79 11.26 6.05 17.66
N GLY B 80 10.92 6.62 18.81
CA GLY B 80 11.05 8.08 18.97
C GLY B 80 9.79 8.75 18.47
N TRP B 81 8.80 7.96 18.07
CA TRP B 81 7.47 8.57 17.66
C TRP B 81 6.61 9.18 18.81
N THR B 82 6.12 10.43 18.60
CA THR B 82 5.20 11.06 19.52
C THR B 82 3.81 10.80 18.99
N PRO B 83 2.76 11.06 19.81
CA PRO B 83 1.40 11.07 19.31
C PRO B 83 1.21 11.93 18.03
N LEU B 84 1.93 13.05 17.94
CA LEU B 84 1.81 13.95 16.75
C LEU B 84 2.36 13.33 15.45
N HIS B 85 3.48 12.61 15.54
CA HIS B 85 3.95 11.85 14.40
C HIS B 85 2.83 10.90 13.90
N LEU B 86 2.25 10.15 14.81
CA LEU B 86 1.19 9.16 14.45
C LEU B 86 0.01 9.81 13.76
N ALA B 87 -0.56 10.84 14.40
CA ALA B 87 -1.62 11.61 13.81
C ALA B 87 -1.28 12.13 12.44
N ALA B 88 -0.08 12.72 12.29
CA ALA B 88 0.35 13.28 10.98
C ALA B 88 0.48 12.19 9.89
N ASP B 89 1.06 11.06 10.27
CA ASP B 89 1.28 9.90 9.36
C ASP B 89 -0.06 9.27 8.92
N ASN B 90 -1.04 9.32 9.80
CA ASN B 90 -2.31 8.67 9.52
C ASN B 90 -3.45 9.58 9.08
N GLY B 91 -3.17 10.88 8.87
CA GLY B 91 -4.15 11.75 8.22
C GLY B 91 -5.22 12.28 9.15
N HIS B 92 -4.92 12.29 10.45
CA HIS B 92 -5.93 12.59 11.43
C HIS B 92 -5.92 14.10 11.78
N LEU B 93 -6.60 14.87 10.96
CA LEU B 93 -6.51 16.34 10.98
C LEU B 93 -6.91 16.91 12.36
N GLU B 94 -8.14 16.65 12.78
CA GLU B 94 -8.60 17.16 14.09
C GLU B 94 -7.64 16.81 15.24
N ILE B 95 -7.10 15.58 15.22
CA ILE B 95 -6.16 15.10 16.26
C ILE B 95 -4.83 15.87 16.34
N VAL B 96 -4.30 16.18 15.16
CA VAL B 96 -3.14 17.07 15.05
C VAL B 96 -3.43 18.42 15.76
N GLU B 97 -4.58 19.00 15.45
CA GLU B 97 -5.01 20.30 16.06
C GLU B 97 -5.06 20.19 17.57
N VAL B 98 -5.79 19.16 18.04
CA VAL B 98 -5.93 18.90 19.47
C VAL B 98 -4.55 18.74 20.15
N LEU B 99 -3.67 17.95 19.55
CA LEU B 99 -2.32 17.75 20.10
C LEU B 99 -1.55 19.06 20.16
N LEU B 100 -1.52 19.77 19.03
CA LEU B 100 -0.88 21.05 19.03
C LEU B 100 -1.44 21.94 20.16
N LYS B 101 -2.76 22.01 20.27
CA LYS B 101 -3.36 22.87 21.32
C LYS B 101 -2.82 22.55 22.72
N TYR B 102 -2.51 21.27 22.97
CA TYR B 102 -2.08 20.79 24.25
C TYR B 102 -0.53 20.76 24.43
N GLY B 103 0.16 21.50 23.58
CA GLY B 103 1.61 21.62 23.68
C GLY B 103 2.48 20.60 22.92
N ALA B 104 1.91 19.81 22.00
CA ALA B 104 2.72 18.89 21.18
C ALA B 104 3.83 19.69 20.51
N ASP B 105 4.98 19.03 20.45
CA ASP B 105 6.22 19.58 19.95
C ASP B 105 6.16 19.35 18.46
N VAL B 106 5.94 20.45 17.74
CA VAL B 106 5.69 20.42 16.32
C VAL B 106 6.88 19.93 15.46
N ASN B 107 8.05 20.07 16.06
CA ASN B 107 9.30 19.66 15.39
C ASN B 107 9.93 18.39 16.02
N ALA B 108 9.11 17.58 16.70
CA ALA B 108 9.61 16.31 17.28
C ALA B 108 10.32 15.47 16.22
N GLN B 109 11.51 14.95 16.58
CA GLN B 109 12.28 14.06 15.67
C GLN B 109 12.12 12.63 16.11
N ASP B 110 11.82 11.70 15.20
CA ASP B 110 12.03 10.26 15.58
C ASP B 110 13.50 9.85 15.53
N ALA B 111 13.77 8.56 15.70
CA ALA B 111 15.13 8.05 15.66
C ALA B 111 15.91 8.41 14.39
N TYR B 112 15.18 8.50 13.30
CA TYR B 112 15.78 8.80 12.01
C TYR B 112 15.76 10.28 11.66
N GLY B 113 15.38 11.10 12.64
CA GLY B 113 15.23 12.56 12.43
C GLY B 113 14.00 13.00 11.65
N LEU B 114 13.07 12.10 11.35
CA LEU B 114 11.84 12.60 10.69
C LEU B 114 10.91 13.35 11.67
N THR B 115 10.36 14.44 11.17
CA THR B 115 9.44 15.21 11.95
C THR B 115 8.02 14.92 11.46
N PRO B 116 7.01 15.46 12.15
CA PRO B 116 5.60 15.23 11.71
C PRO B 116 5.43 15.80 10.35
N LEU B 117 6.21 16.82 10.02
CA LEU B 117 6.07 17.44 8.65
C LEU B 117 6.55 16.51 7.56
N HIS B 118 7.71 15.88 7.75
CA HIS B 118 8.17 14.87 6.82
C HIS B 118 7.05 13.83 6.56
N LEU B 119 6.40 13.35 7.65
CA LEU B 119 5.41 12.28 7.54
C LEU B 119 4.17 12.74 6.82
N ALA B 120 3.59 13.87 7.19
CA ALA B 120 2.41 14.40 6.46
C ALA B 120 2.69 14.68 4.98
N ALA B 121 3.86 15.24 4.69
CA ALA B 121 4.32 15.51 3.35
C ALA B 121 4.42 14.23 2.54
N ASP B 122 5.07 13.21 3.11
CA ASP B 122 5.28 11.99 2.39
C ASP B 122 3.91 11.31 2.14
N ARG B 123 2.98 11.44 3.06
CA ARG B 123 1.63 10.83 2.89
C ARG B 123 0.75 11.73 2.02
N GLY B 124 1.27 12.89 1.64
CA GLY B 124 0.46 13.86 0.90
C GLY B 124 -0.75 14.44 1.70
N HIS B 125 -0.70 14.46 3.02
CA HIS B 125 -1.80 15.06 3.80
C HIS B 125 -1.70 16.58 3.85
N LEU B 126 -2.03 17.24 2.73
CA LEU B 126 -1.92 18.73 2.60
C LEU B 126 -2.51 19.62 3.72
N GLU B 127 -3.68 19.27 4.23
CA GLU B 127 -4.28 20.09 5.29
C GLU B 127 -3.38 19.99 6.53
N ILE B 128 -2.90 18.78 6.83
CA ILE B 128 -2.04 18.63 8.00
C ILE B 128 -0.72 19.44 7.85
N VAL B 129 -0.12 19.40 6.67
CA VAL B 129 1.13 20.13 6.36
C VAL B 129 0.86 21.62 6.73
N GLU B 130 -0.26 22.16 6.24
CA GLU B 130 -0.60 23.58 6.46
C GLU B 130 -0.75 23.93 7.92
N VAL B 131 -1.33 23.01 8.71
CA VAL B 131 -1.53 23.18 10.12
C VAL B 131 -0.22 23.14 10.89
N LEU B 132 0.60 22.16 10.55
CA LEU B 132 1.99 22.05 11.07
C LEU B 132 2.80 23.31 10.77
N LEU B 133 2.80 23.75 9.53
CA LEU B 133 3.47 24.96 9.13
C LEU B 133 2.96 26.18 9.93
N LYS B 134 1.65 26.34 10.01
CA LYS B 134 1.04 27.45 10.81
C LYS B 134 1.54 27.37 12.30
N HIS B 135 1.86 26.18 12.79
CA HIS B 135 2.32 26.04 14.21
C HIS B 135 3.84 26.02 14.40
N GLY B 136 4.58 26.48 13.38
CA GLY B 136 6.03 26.65 13.50
C GLY B 136 6.82 25.43 13.04
N ALA B 137 6.17 24.50 12.33
CA ALA B 137 6.93 23.37 11.75
C ALA B 137 8.11 23.88 10.97
N ASP B 138 9.23 23.17 11.01
CA ASP B 138 10.45 23.62 10.31
C ASP B 138 10.55 22.96 8.93
N VAL B 139 10.27 23.76 7.93
CA VAL B 139 10.20 23.28 6.56
C VAL B 139 11.57 22.84 6.05
N ASN B 140 12.64 23.32 6.69
CA ASN B 140 14.02 22.96 6.28
C ASN B 140 14.64 21.81 7.09
N ALA B 141 13.88 21.24 8.01
CA ALA B 141 14.40 20.10 8.79
C ALA B 141 14.89 18.95 7.89
N GLN B 142 15.98 18.29 8.26
CA GLN B 142 16.55 17.27 7.41
C GLN B 142 16.47 15.98 8.20
N ASP B 143 16.06 14.89 7.56
CA ASP B 143 16.12 13.61 8.24
C ASP B 143 17.53 13.08 8.13
N LYS B 144 17.81 11.90 8.66
CA LYS B 144 19.16 11.39 8.62
C LYS B 144 19.67 11.07 7.19
N PHE B 145 18.78 10.94 6.23
CA PHE B 145 19.20 10.81 4.83
C PHE B 145 19.58 12.18 4.22
N GLY B 146 18.98 13.26 4.71
CA GLY B 146 19.27 14.62 4.20
C GLY B 146 18.04 15.30 3.66
N LYS B 147 16.93 14.55 3.64
CA LYS B 147 15.70 15.04 3.03
C LYS B 147 14.94 16.00 3.86
N THR B 148 14.45 17.04 3.18
CA THR B 148 13.47 17.93 3.76
C THR B 148 12.13 17.52 3.16
N ALA B 149 11.05 18.08 3.73
CA ALA B 149 9.72 18.09 3.09
C ALA B 149 9.78 18.45 1.61
N PHE B 150 10.55 19.47 1.27
CA PHE B 150 10.66 19.74 -0.14
C PHE B 150 11.17 18.55 -0.98
N ASP B 151 12.27 17.91 -0.57
CA ASP B 151 12.80 16.82 -1.36
C ASP B 151 11.79 15.72 -1.50
N ILE B 152 10.98 15.51 -0.44
CA ILE B 152 9.88 14.58 -0.46
C ILE B 152 8.85 14.99 -1.54
N SER B 153 8.62 16.29 -1.75
CA SER B 153 7.59 16.61 -2.74
C SER B 153 8.12 16.30 -4.19
N ILE B 154 9.40 16.52 -4.38
CA ILE B 154 10.08 16.17 -5.61
C ILE B 154 10.17 14.63 -5.75
N ASP B 155 10.71 13.94 -4.74
CA ASP B 155 10.82 12.48 -4.84
C ASP B 155 9.50 11.72 -5.05
N ASN B 156 8.43 12.17 -4.40
CA ASN B 156 7.13 11.52 -4.54
C ASN B 156 6.35 11.98 -5.78
N GLY B 157 6.83 13.02 -6.47
CA GLY B 157 6.09 13.59 -7.62
C GLY B 157 4.86 14.38 -7.19
N ASN B 158 4.84 14.84 -5.94
CA ASN B 158 3.69 15.63 -5.46
C ASN B 158 3.80 17.14 -5.81
N GLU B 159 3.20 17.52 -6.94
CA GLU B 159 3.28 18.91 -7.38
C GLU B 159 2.42 19.83 -6.52
N ASP B 160 1.25 19.33 -6.08
CA ASP B 160 0.42 20.06 -5.11
C ASP B 160 1.12 20.34 -3.77
N LEU B 161 1.93 19.37 -3.32
CA LEU B 161 2.72 19.62 -2.11
C LEU B 161 3.75 20.73 -2.36
N ALA B 162 4.52 20.59 -3.44
CA ALA B 162 5.53 21.58 -3.79
C ALA B 162 4.91 22.95 -4.05
N GLU B 163 3.58 22.98 -4.12
CA GLU B 163 2.86 24.22 -4.37
C GLU B 163 2.76 25.06 -3.11
N ILE B 164 2.49 24.41 -1.99
CA ILE B 164 2.36 25.09 -0.70
C ILE B 164 3.73 25.34 -0.08
N LEU B 165 4.68 24.47 -0.39
CA LEU B 165 6.06 24.61 0.16
C LEU B 165 6.95 25.76 -0.36
N GLN B 166 6.38 26.71 -1.11
CA GLN B 166 7.10 27.96 -1.50
C GLN B 166 6.16 29.10 -1.88
#